data_5QH3
#
_entry.id   5QH3
#
_cell.length_a   123.965
_cell.length_b   123.965
_cell.length_c   40.854
_cell.angle_alpha   90.000
_cell.angle_beta   90.000
_cell.angle_gamma   120.000
#
_symmetry.space_group_name_H-M   'P 3 2 1'
#
loop_
_entity.id
_entity.type
_entity.pdbx_description
1 polymer 'Peroxisomal coenzyme A diphosphatase NUDT7'
2 non-polymer 'ACETATE ION'
3 non-polymer 'DIMETHYL SULFOXIDE'
4 non-polymer 2-(2,4-difluorophenyl)-N-(pyridin-3-yl)acetamide
5 water water
#
_entity_poly.entity_id   1
_entity_poly.type   'polypeptide(L)'
_entity_poly.pdbx_seq_one_letter_code
;SMLDDAKARLRKYDIGGKYSHLPYNKYSVLLPLVAKEGKLHLLFTVRSEKLRRAPGEVCFPGGKRDPTDMDDAATALREA
QEEVGLR(HYP)HQVEVV(CSO)CLVPCLIDTDTLITPFVGLIDHNFQAQPNPAEVKDVFLVPLAYFLHPQVHDQHYVTR
LGHRFINHIFEYTNPEDGVTYQIKGMTANLAVLVAFIILEKKPT
;
_entity_poly.pdbx_strand_id   A
#
# COMPACT_ATOMS: atom_id res chain seq x y z
N SER A 1 -8.81 -15.03 15.36
CA SER A 1 -8.05 -15.46 14.15
C SER A 1 -7.08 -14.35 13.73
N MET A 2 -6.10 -14.72 12.89
CA MET A 2 -5.06 -13.82 12.40
C MET A 2 -5.72 -12.61 11.74
N LEU A 3 -6.70 -12.88 10.87
CA LEU A 3 -7.32 -11.80 10.11
C LEU A 3 -8.24 -10.95 10.95
N ASP A 4 -9.00 -11.58 11.84
CA ASP A 4 -9.87 -10.84 12.74
C ASP A 4 -9.04 -9.97 13.69
N ASP A 5 -7.90 -10.49 14.12
CA ASP A 5 -6.97 -9.75 14.97
C ASP A 5 -6.38 -8.54 14.20
N ALA A 6 -5.99 -8.74 12.96
CA ALA A 6 -5.45 -7.63 12.13
C ALA A 6 -6.46 -6.51 11.93
N LYS A 7 -7.70 -6.89 11.55
CA LYS A 7 -8.76 -5.89 11.36
C LYS A 7 -9.08 -5.16 12.67
N ALA A 8 -9.14 -5.89 13.78
CA ALA A 8 -9.39 -5.26 15.08
C ALA A 8 -8.31 -4.21 15.42
N ARG A 9 -7.04 -4.54 15.13
CA ARG A 9 -5.92 -3.63 15.40
C ARG A 9 -6.05 -2.40 14.50
N LEU A 10 -6.26 -2.65 13.20
CA LEU A 10 -6.37 -1.57 12.23
C LEU A 10 -7.47 -0.59 12.54
N ARG A 11 -8.62 -1.07 13.00
CA ARG A 11 -9.76 -0.20 13.27
C ARG A 11 -9.46 0.86 14.34
N LYS A 12 -8.56 0.53 15.28
CA LYS A 12 -8.16 1.46 16.31
C LYS A 12 -7.40 2.71 15.80
N TYR A 13 -6.85 2.65 14.58
CA TYR A 13 -6.08 3.71 13.99
C TYR A 13 -6.83 4.44 12.87
N ASP A 14 -8.07 4.05 12.64
CA ASP A 14 -8.90 4.60 11.55
C ASP A 14 -9.19 6.05 11.88
N ILE A 15 -8.83 6.94 10.96
CA ILE A 15 -9.23 8.34 11.11
C ILE A 15 -10.56 8.59 10.40
N GLY A 16 -11.01 7.66 9.57
CA GLY A 16 -12.25 7.82 8.81
C GLY A 16 -12.17 8.98 7.81
N GLY A 17 -13.27 9.74 7.72
CA GLY A 17 -13.39 10.86 6.76
C GLY A 17 -13.03 12.24 7.28
N LYS A 18 -12.43 12.29 8.46
CA LYS A 18 -12.06 13.51 9.17
C LYS A 18 -11.38 14.58 8.26
N TYR A 19 -10.37 14.18 7.50
CA TYR A 19 -9.58 15.07 6.65
C TYR A 19 -10.02 15.07 5.16
N SER A 20 -11.08 14.32 4.85
CA SER A 20 -11.39 14.03 3.45
C SER A 20 -12.00 15.18 2.65
N HIS A 21 -12.60 16.18 3.29
N HIS A 21 -12.62 16.15 3.32
CA HIS A 21 -13.23 17.26 2.51
CA HIS A 21 -13.27 17.26 2.61
C HIS A 21 -12.31 18.44 2.31
C HIS A 21 -12.37 18.49 2.45
N LEU A 22 -11.15 18.46 2.98
CA LEU A 22 -10.22 19.58 2.85
C LEU A 22 -9.81 19.80 1.41
N PRO A 23 -9.64 21.07 0.98
CA PRO A 23 -9.54 21.39 -0.44
C PRO A 23 -8.16 21.19 -1.07
N TYR A 24 -7.66 19.94 -1.02
CA TYR A 24 -6.40 19.59 -1.57
C TYR A 24 -6.51 18.97 -2.97
N ASN A 25 -5.39 18.87 -3.64
CA ASN A 25 -5.24 17.92 -4.77
C ASN A 25 -5.20 16.56 -4.08
N LYS A 26 -6.12 15.66 -4.43
CA LYS A 26 -6.36 14.46 -3.63
C LYS A 26 -5.97 13.20 -4.38
N TYR A 27 -5.19 12.36 -3.70
CA TYR A 27 -4.80 11.03 -4.20
C TYR A 27 -5.08 10.02 -3.11
N SER A 28 -5.38 8.78 -3.48
CA SER A 28 -5.51 7.71 -2.49
C SER A 28 -4.60 6.56 -2.86
N VAL A 29 -4.13 5.85 -1.84
CA VAL A 29 -3.41 4.58 -2.07
C VAL A 29 -4.09 3.48 -1.29
N LEU A 30 -3.96 2.26 -1.85
CA LEU A 30 -4.42 1.07 -1.19
C LEU A 30 -3.21 0.29 -0.67
N LEU A 31 -3.23 -0.01 0.61
CA LEU A 31 -2.21 -0.84 1.24
C LEU A 31 -2.84 -2.27 1.31
N PRO A 32 -2.51 -3.15 0.36
CA PRO A 32 -3.24 -4.39 0.20
C PRO A 32 -2.58 -5.52 1.00
N LEU A 33 -3.33 -6.02 1.98
CA LEU A 33 -2.85 -7.11 2.84
C LEU A 33 -3.31 -8.44 2.28
N VAL A 34 -2.34 -9.33 2.09
CA VAL A 34 -2.54 -10.67 1.51
C VAL A 34 -2.06 -11.67 2.55
N ALA A 35 -2.90 -12.67 2.86
CA ALA A 35 -2.48 -13.73 3.78
C ALA A 35 -2.08 -14.94 2.96
N LYS A 36 -0.81 -15.34 3.09
CA LYS A 36 -0.22 -16.52 2.37
C LYS A 36 0.68 -17.25 3.34
N GLU A 37 0.72 -18.58 3.25
CA GLU A 37 1.68 -19.34 4.05
C GLU A 37 1.65 -19.01 5.53
N GLY A 38 0.45 -18.73 6.01
CA GLY A 38 0.17 -18.48 7.37
C GLY A 38 0.68 -17.13 7.90
N LYS A 39 1.00 -16.20 7.00
CA LYS A 39 1.56 -14.89 7.41
C LYS A 39 0.91 -13.79 6.58
N LEU A 40 0.90 -12.57 7.11
CA LEU A 40 0.43 -11.44 6.30
C LEU A 40 1.55 -10.85 5.46
N HIS A 41 1.16 -10.37 4.27
CA HIS A 41 2.06 -9.77 3.31
C HIS A 41 1.42 -8.45 2.83
N LEU A 42 2.26 -7.53 2.40
CA LEU A 42 1.79 -6.40 1.64
C LEU A 42 2.08 -6.58 0.16
N LEU A 43 1.17 -6.13 -0.68
CA LEU A 43 1.32 -6.15 -2.13
C LEU A 43 1.81 -4.78 -2.60
N PHE A 44 2.86 -4.79 -3.40
CA PHE A 44 3.45 -3.60 -3.97
C PHE A 44 3.44 -3.71 -5.49
N THR A 45 3.53 -2.54 -6.12
CA THR A 45 3.71 -2.48 -7.59
C THR A 45 5.07 -1.86 -7.87
N VAL A 46 5.63 -2.20 -9.02
CA VAL A 46 6.71 -1.44 -9.59
C VAL A 46 6.12 -0.63 -10.74
N ARG A 47 6.29 0.68 -10.69
CA ARG A 47 5.70 1.57 -11.70
C ARG A 47 6.39 1.36 -13.04
N SER A 48 5.61 1.45 -14.10
CA SER A 48 6.13 1.27 -15.45
C SER A 48 7.23 2.31 -15.69
N GLU A 49 8.28 1.91 -16.43
CA GLU A 49 9.34 2.85 -16.82
C GLU A 49 8.84 3.95 -17.77
N LYS A 50 7.70 3.70 -18.42
CA LYS A 50 7.03 4.66 -19.31
C LYS A 50 6.43 5.89 -18.58
N LEU A 51 6.12 5.76 -17.29
CA LEU A 51 5.39 6.82 -16.58
C LEU A 51 6.23 8.07 -16.36
N ARG A 52 5.55 9.21 -16.29
CA ARG A 52 6.18 10.53 -16.11
C ARG A 52 6.76 10.67 -14.70
N ARG A 53 5.90 10.41 -13.70
CA ARG A 53 6.29 10.51 -12.30
C ARG A 53 6.85 9.17 -11.80
N ALA A 54 8.13 9.16 -11.41
CA ALA A 54 8.75 8.06 -10.66
C ALA A 54 8.76 6.71 -11.40
N PRO A 55 9.30 6.68 -12.64
CA PRO A 55 9.32 5.45 -13.41
C PRO A 55 10.17 4.40 -12.71
N GLY A 56 9.69 3.16 -12.69
CA GLY A 56 10.44 2.07 -12.09
C GLY A 56 10.52 2.01 -10.56
N GLU A 57 9.83 2.91 -9.86
CA GLU A 57 9.84 2.92 -8.39
C GLU A 57 8.76 1.98 -7.83
N VAL A 58 9.02 1.50 -6.61
CA VAL A 58 8.09 0.65 -5.90
C VAL A 58 7.06 1.56 -5.25
N CYS A 59 5.78 1.25 -5.41
N CYS A 59 5.78 1.21 -5.40
CA CYS A 59 4.73 2.01 -4.77
CA CYS A 59 4.68 2.01 -4.91
C CYS A 59 3.48 1.17 -4.60
C CYS A 59 3.58 1.09 -4.45
N PHE A 60 2.60 1.63 -3.75
CA PHE A 60 1.32 0.95 -3.54
C PHE A 60 0.40 1.32 -4.70
N PRO A 61 -0.58 0.45 -5.00
CA PRO A 61 -1.58 0.86 -6.00
C PRO A 61 -2.31 2.13 -5.54
N GLY A 62 -2.70 2.95 -6.48
CA GLY A 62 -3.42 4.19 -6.13
C GLY A 62 -3.30 5.22 -7.21
N GLY A 63 -3.82 6.41 -6.92
CA GLY A 63 -3.85 7.46 -7.91
C GLY A 63 -4.72 8.62 -7.53
N LYS A 64 -4.92 9.51 -8.50
CA LYS A 64 -5.65 10.76 -8.25
C LYS A 64 -7.15 10.55 -8.21
N ARG A 65 -7.83 11.21 -7.29
CA ARG A 65 -9.26 11.15 -7.20
C ARG A 65 -9.82 11.77 -8.50
N ASP A 66 -10.92 11.19 -8.94
CA ASP A 66 -11.68 11.76 -10.07
C ASP A 66 -13.11 11.97 -9.72
N PRO A 67 -13.89 12.65 -10.61
CA PRO A 67 -15.23 12.98 -10.19
C PRO A 67 -16.17 11.85 -9.94
N THR A 68 -15.88 10.67 -10.49
CA THR A 68 -16.75 9.53 -10.30
C THR A 68 -16.71 8.96 -8.88
N ASP A 69 -15.60 9.18 -8.18
CA ASP A 69 -15.38 8.55 -6.90
C ASP A 69 -16.35 9.06 -5.82
N MET A 70 -17.09 8.17 -5.19
CA MET A 70 -18.00 8.56 -4.11
C MET A 70 -17.24 9.13 -2.91
N ASP A 71 -16.04 8.61 -2.70
CA ASP A 71 -15.21 8.97 -1.56
C ASP A 71 -13.75 8.59 -1.83
N ASP A 72 -12.86 8.81 -0.86
CA ASP A 72 -11.45 8.59 -1.08
C ASP A 72 -11.12 7.09 -1.19
N ALA A 73 -11.88 6.28 -0.50
CA ALA A 73 -11.71 4.81 -0.56
C ALA A 73 -11.99 4.33 -2.00
N ALA A 74 -13.03 4.89 -2.60
CA ALA A 74 -13.34 4.55 -3.99
C ALA A 74 -12.21 4.86 -4.96
N THR A 75 -11.49 5.99 -4.75
CA THR A 75 -10.34 6.29 -5.54
C THR A 75 -9.30 5.16 -5.51
N ALA A 76 -8.99 4.72 -4.28
CA ALA A 76 -8.01 3.67 -4.10
C ALA A 76 -8.43 2.38 -4.84
N LEU A 77 -9.69 2.02 -4.71
CA LEU A 77 -10.21 0.79 -5.33
C LEU A 77 -10.26 0.88 -6.85
N ARG A 78 -10.69 2.03 -7.36
CA ARG A 78 -10.71 2.24 -8.82
C ARG A 78 -9.35 2.14 -9.44
N GLU A 79 -8.37 2.81 -8.82
CA GLU A 79 -7.01 2.79 -9.31
C GLU A 79 -6.37 1.39 -9.17
N ALA A 80 -6.62 0.68 -8.07
CA ALA A 80 -6.11 -0.66 -7.90
C ALA A 80 -6.66 -1.60 -9.00
N GLN A 81 -7.92 -1.45 -9.33
CA GLN A 81 -8.53 -2.26 -10.40
C GLN A 81 -7.82 -1.98 -11.72
N GLU A 82 -7.64 -0.70 -12.04
CA GLU A 82 -6.95 -0.31 -13.28
C GLU A 82 -5.53 -0.82 -13.35
N GLU A 83 -4.80 -0.79 -12.23
CA GLU A 83 -3.40 -1.10 -12.21
C GLU A 83 -3.10 -2.59 -12.13
N VAL A 84 -3.84 -3.32 -11.29
CA VAL A 84 -3.52 -4.74 -11.03
C VAL A 84 -4.70 -5.71 -11.17
N GLY A 85 -5.85 -5.22 -11.61
CA GLY A 85 -7.06 -6.03 -11.85
C GLY A 85 -7.85 -6.41 -10.63
N LEU A 86 -7.50 -5.84 -9.46
CA LEU A 86 -8.26 -6.08 -8.26
C LEU A 86 -9.70 -5.58 -8.36
N ARG A 87 -10.68 -6.46 -8.26
CA ARG A 87 -12.08 -6.10 -8.33
C ARG A 87 -12.64 -5.76 -6.94
N HIS A 89 -15.20 -6.64 -5.16
CA HIS A 89 -15.58 -7.80 -4.34
C HIS A 89 -14.38 -8.54 -3.73
N GLN A 90 -13.18 -8.25 -4.23
CA GLN A 90 -11.97 -8.93 -3.78
C GLN A 90 -11.20 -8.19 -2.72
N VAL A 91 -11.77 -7.07 -2.24
CA VAL A 91 -11.13 -6.26 -1.23
C VAL A 91 -12.12 -5.75 -0.18
N GLU A 92 -11.71 -5.88 1.08
CA GLU A 92 -12.45 -5.34 2.20
C GLU A 92 -11.60 -4.17 2.73
N VAL A 93 -12.09 -2.95 2.54
CA VAL A 93 -11.42 -1.76 3.07
C VAL A 93 -11.71 -1.70 4.56
N VAL A 94 -10.66 -1.75 5.37
CA VAL A 94 -10.78 -1.89 6.82
C VAL A 94 -10.66 -0.53 7.47
N CYS A 96 -8.89 3.84 7.14
CA CYS A 96 -8.16 4.91 6.59
C CYS A 96 -7.08 5.34 7.58
N LEU A 97 -5.82 5.27 7.19
CA LEU A 97 -4.70 5.65 8.05
C LEU A 97 -4.42 7.13 7.87
N VAL A 98 -3.52 7.62 8.71
CA VAL A 98 -3.13 9.04 8.64
C VAL A 98 -2.74 9.48 7.23
N PRO A 99 -3.37 10.55 6.74
CA PRO A 99 -2.99 11.02 5.42
C PRO A 99 -1.63 11.66 5.38
N CYS A 100 -1.02 11.67 4.19
N CYS A 100 -1.02 11.66 4.19
CA CYS A 100 0.33 12.15 3.93
CA CYS A 100 0.32 12.19 3.94
C CYS A 100 0.22 13.51 3.20
C CYS A 100 0.16 13.53 3.23
N LEU A 101 0.80 14.57 3.74
CA LEU A 101 0.83 15.89 3.08
C LEU A 101 2.07 16.03 2.25
N ILE A 102 1.93 16.41 0.97
CA ILE A 102 3.10 16.68 0.16
C ILE A 102 2.92 17.92 -0.72
N ASP A 103 4.03 18.58 -1.03
CA ASP A 103 4.10 19.68 -1.99
C ASP A 103 3.25 20.90 -1.66
N THR A 104 2.82 21.01 -0.40
CA THR A 104 2.00 22.10 0.10
C THR A 104 0.55 22.08 -0.33
N ASP A 105 0.19 21.35 -1.40
CA ASP A 105 -1.15 21.41 -1.94
C ASP A 105 -1.79 20.02 -2.21
N THR A 106 -1.18 18.98 -1.65
CA THR A 106 -1.56 17.61 -2.02
C THR A 106 -1.74 16.79 -0.75
N LEU A 107 -2.79 15.99 -0.73
CA LEU A 107 -3.06 15.11 0.40
C LEU A 107 -3.26 13.71 -0.14
N ILE A 108 -2.50 12.76 0.38
CA ILE A 108 -2.60 11.37 -0.06
C ILE A 108 -3.20 10.58 1.08
N THR A 109 -4.33 9.93 0.85
CA THR A 109 -5.04 9.21 1.86
C THR A 109 -4.81 7.69 1.66
N PRO A 110 -4.20 7.01 2.67
CA PRO A 110 -3.95 5.55 2.58
C PRO A 110 -5.08 4.74 3.22
N PHE A 111 -5.54 3.71 2.51
CA PHE A 111 -6.54 2.80 3.01
C PHE A 111 -5.94 1.41 3.09
N VAL A 112 -6.19 0.71 4.20
CA VAL A 112 -5.73 -0.67 4.29
C VAL A 112 -6.89 -1.55 3.85
N GLY A 113 -6.58 -2.51 2.96
CA GLY A 113 -7.57 -3.42 2.44
C GLY A 113 -7.12 -4.85 2.62
N LEU A 114 -8.03 -5.72 3.04
CA LEU A 114 -7.79 -7.15 3.10
C LEU A 114 -8.18 -7.76 1.75
N ILE A 115 -7.25 -8.50 1.15
CA ILE A 115 -7.38 -8.99 -0.23
C ILE A 115 -7.79 -10.45 -0.21
N ASP A 116 -8.74 -10.77 -1.06
CA ASP A 116 -9.24 -12.15 -1.17
C ASP A 116 -8.16 -13.11 -1.55
N HIS A 117 -8.20 -14.31 -0.94
CA HIS A 117 -7.18 -15.31 -1.26
C HIS A 117 -7.22 -15.84 -2.71
N ASN A 118 -8.30 -15.64 -3.47
CA ASN A 118 -8.36 -16.06 -4.88
C ASN A 118 -8.01 -14.93 -5.86
N PHE A 119 -7.64 -13.76 -5.36
CA PHE A 119 -7.11 -12.74 -6.24
C PHE A 119 -5.76 -13.12 -6.83
N GLN A 120 -5.61 -12.95 -8.13
CA GLN A 120 -4.32 -13.08 -8.78
C GLN A 120 -4.11 -11.86 -9.66
N ALA A 121 -2.97 -11.21 -9.46
CA ALA A 121 -2.75 -9.90 -10.03
C ALA A 121 -2.59 -10.08 -11.51
N GLN A 122 -3.19 -9.14 -12.23
CA GLN A 122 -3.02 -9.01 -13.65
C GLN A 122 -2.37 -7.63 -13.91
N PRO A 123 -1.03 -7.53 -13.83
CA PRO A 123 -0.39 -6.22 -13.98
C PRO A 123 -0.76 -5.58 -15.32
N ASN A 124 -1.23 -4.34 -15.28
CA ASN A 124 -1.52 -3.57 -16.50
C ASN A 124 -0.21 -2.94 -16.98
N PRO A 125 0.41 -3.47 -18.07
CA PRO A 125 1.77 -3.04 -18.38
C PRO A 125 1.95 -1.56 -18.77
N ALA A 126 0.87 -0.86 -19.10
CA ALA A 126 0.98 0.60 -19.33
C ALA A 126 1.25 1.35 -18.03
N GLU A 127 0.95 0.72 -16.90
CA GLU A 127 1.11 1.39 -15.60
C GLU A 127 2.04 0.71 -14.65
N VAL A 128 2.09 -0.62 -14.73
CA VAL A 128 2.78 -1.41 -13.73
C VAL A 128 3.72 -2.40 -14.44
N LYS A 129 4.99 -2.35 -14.06
CA LYS A 129 6.02 -3.27 -14.57
C LYS A 129 6.05 -4.60 -13.81
N ASP A 130 5.65 -4.57 -12.54
CA ASP A 130 5.76 -5.77 -11.72
C ASP A 130 4.83 -5.58 -10.52
N VAL A 131 4.42 -6.70 -9.93
CA VAL A 131 3.64 -6.75 -8.69
C VAL A 131 4.32 -7.79 -7.84
N PHE A 132 4.53 -7.53 -6.56
CA PHE A 132 5.20 -8.49 -5.72
C PHE A 132 4.72 -8.34 -4.27
N LEU A 133 4.92 -9.39 -3.49
CA LEU A 133 4.56 -9.40 -2.09
C LEU A 133 5.79 -9.28 -1.24
N VAL A 134 5.63 -8.64 -0.08
CA VAL A 134 6.64 -8.69 0.96
C VAL A 134 5.98 -9.08 2.28
N PRO A 135 6.58 -10.03 3.03
CA PRO A 135 5.95 -10.33 4.30
C PRO A 135 5.96 -9.07 5.20
N LEU A 136 4.85 -8.86 5.87
CA LEU A 136 4.70 -7.71 6.73
C LEU A 136 5.79 -7.67 7.79
N ALA A 137 6.19 -8.84 8.31
CA ALA A 137 7.22 -8.87 9.35
C ALA A 137 8.59 -8.39 8.90
N TYR A 138 8.85 -8.40 7.59
CA TYR A 138 10.09 -7.87 7.05
C TYR A 138 10.32 -6.44 7.54
N PHE A 139 9.24 -5.68 7.62
CA PHE A 139 9.34 -4.25 7.93
C PHE A 139 9.72 -3.94 9.37
N LEU A 140 9.72 -4.97 10.23
CA LEU A 140 10.24 -4.88 11.59
C LEU A 140 11.77 -5.03 11.63
N HIS A 141 12.34 -5.72 10.65
CA HIS A 141 13.78 -5.99 10.56
C HIS A 141 14.26 -5.89 9.14
N PRO A 142 14.12 -4.70 8.54
CA PRO A 142 14.46 -4.53 7.13
C PRO A 142 15.96 -4.49 6.92
N GLN A 143 16.38 -4.72 5.68
CA GLN A 143 17.76 -4.55 5.27
C GLN A 143 17.87 -3.11 4.74
N VAL A 144 18.59 -2.27 5.48
CA VAL A 144 18.59 -0.84 5.23
C VAL A 144 19.87 -0.46 4.51
N HIS A 145 19.73 0.39 3.51
CA HIS A 145 20.86 0.96 2.77
C HIS A 145 20.65 2.47 2.75
N ASP A 146 21.69 3.23 3.04
CA ASP A 146 21.61 4.69 3.06
C ASP A 146 22.15 5.23 1.73
N GLN A 147 21.35 6.05 1.04
CA GLN A 147 21.71 6.61 -0.25
C GLN A 147 22.04 8.09 -0.12
N ILE A 158 21.19 12.26 3.06
CA ILE A 158 21.35 10.82 3.21
C ILE A 158 20.06 10.18 3.75
N ASN A 159 19.36 9.39 2.92
CA ASN A 159 18.05 8.80 3.27
C ASN A 159 18.02 7.25 3.21
N HIS A 160 17.18 6.66 4.07
CA HIS A 160 17.13 5.21 4.27
C HIS A 160 16.29 4.50 3.20
N ILE A 161 16.86 3.46 2.60
CA ILE A 161 16.23 2.65 1.55
C ILE A 161 16.18 1.21 2.07
N PHE A 162 15.02 0.55 1.91
CA PHE A 162 14.93 -0.87 2.23
C PHE A 162 15.23 -1.68 1.00
N GLU A 163 16.00 -2.75 1.15
CA GLU A 163 16.22 -3.74 0.09
C GLU A 163 15.59 -5.06 0.47
N TYR A 164 14.65 -5.50 -0.33
CA TYR A 164 13.96 -6.77 -0.06
C TYR A 164 14.30 -7.70 -1.21
N THR A 165 14.82 -8.87 -0.87
CA THR A 165 15.08 -9.92 -1.86
C THR A 165 14.05 -11.03 -1.76
N ASN A 166 13.31 -11.28 -2.85
CA ASN A 166 12.31 -12.32 -2.88
C ASN A 166 13.00 -13.69 -2.91
N PRO A 167 12.80 -14.54 -1.88
CA PRO A 167 13.52 -15.84 -1.86
C PRO A 167 13.04 -16.80 -2.93
N GLU A 168 11.89 -16.55 -3.52
CA GLU A 168 11.40 -17.43 -4.55
C GLU A 168 12.22 -17.33 -5.84
N ASP A 169 12.73 -16.13 -6.14
CA ASP A 169 13.50 -15.86 -7.36
C ASP A 169 14.79 -15.04 -7.25
N GLY A 170 15.14 -14.56 -6.05
CA GLY A 170 16.37 -13.79 -5.86
C GLY A 170 16.35 -12.34 -6.32
N VAL A 171 15.19 -11.85 -6.75
CA VAL A 171 15.08 -10.49 -7.23
C VAL A 171 15.03 -9.54 -6.03
N THR A 172 15.85 -8.50 -6.10
CA THR A 172 15.90 -7.47 -5.06
C THR A 172 15.14 -6.22 -5.50
N TYR A 173 14.27 -5.74 -4.61
CA TYR A 173 13.49 -4.54 -4.82
C TYR A 173 13.93 -3.50 -3.81
N GLN A 174 13.94 -2.23 -4.23
CA GLN A 174 14.21 -1.11 -3.34
C GLN A 174 12.90 -0.45 -2.99
N ILE A 175 12.68 -0.26 -1.69
CA ILE A 175 11.44 0.35 -1.22
C ILE A 175 11.83 1.57 -0.40
N LYS A 176 11.23 2.71 -0.72
CA LYS A 176 11.67 3.93 -0.04
C LYS A 176 10.55 4.91 0.11
N GLY A 177 10.89 6.01 0.79
CA GLY A 177 9.96 7.13 0.89
C GLY A 177 8.65 6.81 1.56
N MET A 178 7.57 7.43 1.07
CA MET A 178 6.24 7.29 1.67
C MET A 178 5.85 5.83 1.71
N THR A 179 6.20 5.11 0.66
CA THR A 179 5.82 3.68 0.52
C THR A 179 6.46 2.88 1.65
N ALA A 180 7.76 3.10 1.86
CA ALA A 180 8.46 2.42 2.99
C ALA A 180 7.89 2.83 4.34
N ASN A 181 7.62 4.13 4.49
CA ASN A 181 7.08 4.60 5.75
C ASN A 181 5.73 3.97 6.08
N LEU A 182 4.84 3.91 5.10
CA LEU A 182 3.54 3.32 5.31
C LEU A 182 3.61 1.84 5.62
N ALA A 183 4.53 1.14 4.95
CA ALA A 183 4.69 -0.29 5.21
C ALA A 183 5.08 -0.56 6.66
N VAL A 184 6.01 0.24 7.17
CA VAL A 184 6.44 0.11 8.57
C VAL A 184 5.27 0.40 9.50
N LEU A 185 4.52 1.45 9.21
CA LEU A 185 3.37 1.78 10.04
C LEU A 185 2.39 0.61 10.17
N VAL A 186 2.03 0.02 9.03
CA VAL A 186 1.10 -1.09 9.02
C VAL A 186 1.67 -2.30 9.81
N ALA A 187 2.94 -2.59 9.61
CA ALA A 187 3.62 -3.67 10.35
C ALA A 187 3.57 -3.41 11.85
N PHE A 188 3.87 -2.18 12.30
CA PHE A 188 3.74 -1.89 13.73
C PHE A 188 2.33 -2.09 14.25
N ILE A 189 1.33 -1.53 13.55
CA ILE A 189 -0.01 -1.61 13.98
C ILE A 189 -0.45 -3.06 14.17
N ILE A 190 -0.11 -3.90 13.20
CA ILE A 190 -0.66 -5.27 13.17
C ILE A 190 0.17 -6.24 14.01
N LEU A 191 1.47 -6.07 14.01
CA LEU A 191 2.38 -7.07 14.61
C LEU A 191 2.91 -6.74 16.00
N GLU A 192 2.80 -5.50 16.44
CA GLU A 192 3.31 -5.19 17.79
C GLU A 192 2.61 -5.98 18.89
N LYS A 193 3.36 -6.31 19.93
CA LYS A 193 2.77 -6.90 21.15
C LYS A 193 1.88 -8.09 20.88
N LYS A 194 2.46 -9.12 20.29
CA LYS A 194 1.73 -10.37 20.00
C LYS A 194 2.41 -11.55 20.68
N PRO A 195 1.63 -12.37 21.42
CA PRO A 195 2.20 -13.64 21.91
C PRO A 195 2.58 -14.57 20.76
N THR A 196 3.64 -15.36 20.93
CA THR A 196 4.01 -16.39 19.95
C THR A 196 3.28 -17.70 20.26
#